data_1A1R
#
_entry.id   1A1R
#
_cell.length_a   225.000
_cell.length_b   225.000
_cell.length_c   75.450
_cell.angle_alpha   90.00
_cell.angle_beta   90.00
_cell.angle_gamma   120.00
#
_symmetry.space_group_name_H-M   'H 3 2'
#
loop_
_entity.id
_entity.type
_entity.pdbx_description
1 polymer 'NS3 PROTEIN'
2 polymer 'NS4A PROTEIN'
3 non-polymer 'ZINC ION'
4 water water
#
loop_
_entity_poly.entity_id
_entity_poly.type
_entity_poly.pdbx_seq_one_letter_code
_entity_poly.pdbx_strand_id
1 'polypeptide(L)'
;ASMTGGQQMGAPITAYAQQTRGLLGCIITSLTGRDKNQVEGEVQIVSTATQTFLATCINGVCWTVYHGAGTRTIASPKGP
VIQMYTNVDQDLVGWPAPQGSRSLTPCTCGSSDLYLVTRHADVIPVRRRGDSRGSLLSPRPISYLKGSSGGPLLCPTGHA
VGLFRAAVCTRGVAKAVDFIPVENLETTMRGSHHHHHH
;
A,B
2 'polypeptide(L)' KKGSVVIVGRIVLSGKPAIIPKK C,D
#
loop_
_chem_comp.id
_chem_comp.type
_chem_comp.name
_chem_comp.formula
ZN non-polymer 'ZINC ION' 'Zn 2'
#
# COMPACT_ATOMS: atom_id res chain seq x y z
N VAL A 39 5.37 -8.98 -11.81
CA VAL A 39 5.33 -8.50 -10.39
C VAL A 39 6.72 -8.03 -10.02
N GLU A 40 6.79 -6.86 -9.39
CA GLU A 40 8.05 -6.29 -8.95
C GLU A 40 8.14 -6.21 -7.44
N GLY A 41 9.34 -6.43 -6.92
CA GLY A 41 9.56 -6.36 -5.49
C GLY A 41 10.29 -5.10 -5.10
N GLU A 42 10.02 -4.59 -3.91
CA GLU A 42 10.66 -3.38 -3.44
C GLU A 42 11.89 -3.81 -2.66
N VAL A 43 11.83 -5.02 -2.10
CA VAL A 43 12.92 -5.57 -1.31
C VAL A 43 13.56 -6.75 -2.03
N GLN A 44 14.87 -6.72 -2.17
CA GLN A 44 15.56 -7.82 -2.82
C GLN A 44 16.50 -8.50 -1.86
N ILE A 45 16.52 -9.84 -1.91
CA ILE A 45 17.37 -10.67 -1.07
C ILE A 45 18.69 -10.84 -1.81
N VAL A 46 19.71 -10.16 -1.31
CA VAL A 46 21.02 -10.17 -1.94
C VAL A 46 22.04 -11.04 -1.22
N SER A 47 23.15 -11.33 -1.90
CA SER A 47 24.20 -12.15 -1.33
C SER A 47 25.59 -11.81 -1.85
N THR A 48 26.58 -12.19 -1.05
CA THR A 48 27.99 -12.01 -1.37
C THR A 48 28.57 -13.40 -1.16
N ALA A 49 29.86 -13.58 -1.41
CA ALA A 49 30.48 -14.89 -1.23
C ALA A 49 30.37 -15.43 0.19
N THR A 50 30.28 -14.53 1.16
CA THR A 50 30.23 -14.91 2.56
C THR A 50 28.98 -14.47 3.33
N GLN A 51 28.17 -13.59 2.75
CA GLN A 51 27.04 -13.07 3.49
C GLN A 51 25.79 -12.84 2.67
N THR A 52 24.64 -13.10 3.29
CA THR A 52 23.34 -12.88 2.66
C THR A 52 22.57 -11.91 3.54
N PHE A 53 21.95 -10.93 2.90
CA PHE A 53 21.18 -9.91 3.61
C PHE A 53 20.14 -9.35 2.65
N LEU A 54 19.67 -8.13 2.90
CA LEU A 54 18.64 -7.55 2.05
C LEU A 54 19.01 -6.17 1.56
N ALA A 55 18.27 -5.70 0.56
CA ALA A 55 18.44 -4.36 0.01
C ALA A 55 17.02 -3.85 -0.18
N THR A 56 16.84 -2.54 -0.19
CA THR A 56 15.52 -1.95 -0.34
C THR A 56 15.58 -0.81 -1.35
N CYS A 57 14.68 -0.83 -2.32
CA CYS A 57 14.63 0.23 -3.31
C CYS A 57 13.79 1.35 -2.76
N ILE A 58 14.38 2.54 -2.70
CA ILE A 58 13.68 3.74 -2.24
C ILE A 58 14.17 4.86 -3.14
N ASN A 59 13.23 5.62 -3.70
CA ASN A 59 13.58 6.71 -4.60
C ASN A 59 14.50 6.28 -5.75
N GLY A 60 14.18 5.15 -6.38
CA GLY A 60 14.96 4.67 -7.50
C GLY A 60 16.33 4.09 -7.20
N VAL A 61 16.71 4.09 -5.93
CA VAL A 61 18.00 3.56 -5.53
C VAL A 61 17.82 2.26 -4.75
N CYS A 62 18.79 1.36 -4.90
CA CYS A 62 18.78 0.08 -4.21
C CYS A 62 19.75 0.28 -3.06
N TRP A 63 19.20 0.50 -1.87
CA TRP A 63 20.01 0.73 -0.68
C TRP A 63 20.22 -0.52 0.12
N THR A 64 21.35 -0.58 0.82
CA THR A 64 21.67 -1.68 1.70
C THR A 64 22.71 -1.23 2.71
N VAL A 65 23.12 -2.14 3.59
CA VAL A 65 24.10 -1.83 4.63
C VAL A 65 25.54 -2.07 4.21
N TYR A 66 26.37 -1.04 4.39
CA TYR A 66 27.79 -1.11 4.06
C TYR A 66 28.49 -2.31 4.69
N HIS A 67 28.05 -2.71 5.89
CA HIS A 67 28.66 -3.85 6.57
C HIS A 67 28.36 -5.19 5.91
N GLY A 68 27.62 -5.14 4.79
CA GLY A 68 27.30 -6.35 4.07
C GLY A 68 27.78 -6.25 2.64
N ALA A 69 27.55 -5.10 2.03
CA ALA A 69 27.95 -4.87 0.65
C ALA A 69 29.40 -4.41 0.51
N GLY A 70 29.85 -3.58 1.45
CA GLY A 70 31.19 -3.05 1.37
C GLY A 70 31.18 -2.05 0.24
N THR A 71 32.09 -2.20 -0.71
CA THR A 71 32.13 -1.30 -1.86
C THR A 71 31.86 -2.10 -3.12
N ARG A 72 31.27 -3.27 -2.96
CA ARG A 72 31.00 -4.15 -4.07
C ARG A 72 30.04 -3.58 -5.10
N THR A 73 30.17 -4.08 -6.31
CA THR A 73 29.31 -3.70 -7.42
C THR A 73 28.14 -4.65 -7.33
N ILE A 74 27.00 -4.26 -7.87
CA ILE A 74 25.84 -5.13 -7.87
C ILE A 74 25.83 -5.81 -9.25
N ALA A 75 25.56 -7.12 -9.28
CA ALA A 75 25.53 -7.87 -10.53
C ALA A 75 24.37 -7.43 -11.44
N SER A 76 24.63 -7.39 -12.73
CA SER A 76 23.64 -6.99 -13.73
C SER A 76 23.86 -7.86 -14.97
N PRO A 77 22.79 -8.15 -15.74
CA PRO A 77 22.95 -8.99 -16.94
C PRO A 77 23.78 -8.33 -18.05
N LYS A 78 24.32 -7.15 -17.73
CA LYS A 78 25.18 -6.41 -18.64
C LYS A 78 26.51 -6.16 -17.94
N GLY A 79 26.73 -6.83 -16.82
CA GLY A 79 27.97 -6.66 -16.07
C GLY A 79 27.78 -5.95 -14.74
N PRO A 80 28.84 -5.83 -13.92
CA PRO A 80 28.78 -5.18 -12.61
C PRO A 80 28.40 -3.72 -12.66
N VAL A 81 27.53 -3.31 -11.73
CA VAL A 81 27.07 -1.93 -11.66
C VAL A 81 27.65 -1.34 -10.38
N ILE A 82 28.23 -0.15 -10.47
CA ILE A 82 28.84 0.46 -9.30
C ILE A 82 27.88 1.27 -8.44
N GLN A 83 28.19 1.33 -7.15
CA GLN A 83 27.39 2.06 -6.19
C GLN A 83 27.25 3.52 -6.59
N MET A 84 26.04 4.03 -6.50
CA MET A 84 25.77 5.44 -6.81
C MET A 84 26.19 6.22 -5.58
N TYR A 85 26.02 5.59 -4.42
CA TYR A 85 26.37 6.20 -3.14
C TYR A 85 27.04 5.21 -2.21
N THR A 86 28.04 5.69 -1.48
CA THR A 86 28.77 4.89 -0.51
C THR A 86 28.95 5.83 0.67
N ASN A 87 28.47 5.41 1.82
CA ASN A 87 28.54 6.22 3.03
C ASN A 87 28.91 5.30 4.19
N VAL A 88 30.21 5.09 4.37
CA VAL A 88 30.70 4.23 5.44
C VAL A 88 30.18 4.66 6.82
N ASP A 89 30.15 5.97 7.08
CA ASP A 89 29.68 6.49 8.36
C ASP A 89 28.27 6.05 8.71
N GLN A 90 27.37 6.16 7.74
CA GLN A 90 26.00 5.77 7.95
C GLN A 90 25.69 4.30 7.72
N ASP A 91 26.71 3.54 7.31
CA ASP A 91 26.54 2.11 7.03
C ASP A 91 25.58 1.98 5.84
N LEU A 92 25.63 2.95 4.95
CA LEU A 92 24.73 3.01 3.80
C LEU A 92 25.38 3.02 2.43
N VAL A 93 24.87 2.18 1.52
CA VAL A 93 25.38 2.14 0.15
C VAL A 93 24.18 1.94 -0.76
N GLY A 94 24.26 2.45 -1.97
CA GLY A 94 23.16 2.30 -2.90
C GLY A 94 23.60 2.24 -4.34
N TRP A 95 22.89 1.42 -5.11
CA TRP A 95 23.17 1.25 -6.53
C TRP A 95 21.88 1.65 -7.23
N PRO A 96 21.88 1.73 -8.57
CA PRO A 96 20.62 2.09 -9.25
C PRO A 96 19.68 0.89 -9.04
N ALA A 97 18.39 1.11 -8.87
CA ALA A 97 17.47 0.00 -8.66
C ALA A 97 17.52 -0.98 -9.82
N PRO A 98 17.72 -2.28 -9.53
CA PRO A 98 17.80 -3.35 -10.53
C PRO A 98 16.49 -3.66 -11.23
N GLN A 99 16.51 -4.68 -12.07
CA GLN A 99 15.32 -5.10 -12.79
C GLN A 99 14.42 -5.99 -11.92
N GLY A 100 13.11 -5.82 -12.08
CA GLY A 100 12.17 -6.61 -11.31
C GLY A 100 11.86 -5.93 -10.00
N SER A 101 12.29 -4.67 -9.87
CA SER A 101 12.05 -3.94 -8.65
C SER A 101 11.15 -2.74 -8.88
N ARG A 102 10.58 -2.23 -7.78
CA ARG A 102 9.76 -1.04 -7.79
C ARG A 102 10.13 -0.35 -6.47
N SER A 103 10.21 0.98 -6.50
CA SER A 103 10.61 1.72 -5.33
C SER A 103 9.53 1.94 -4.29
N LEU A 104 9.99 2.13 -3.06
CA LEU A 104 9.15 2.38 -1.91
C LEU A 104 9.10 3.89 -1.69
N THR A 105 8.01 4.35 -1.10
CA THR A 105 7.80 5.76 -0.81
C THR A 105 8.22 6.03 0.62
N PRO A 106 8.98 7.10 0.86
CA PRO A 106 9.41 7.42 2.22
C PRO A 106 8.23 7.84 3.08
N CYS A 107 8.31 7.62 4.38
CA CYS A 107 7.23 7.99 5.28
C CYS A 107 7.16 9.50 5.39
N THR A 108 5.96 10.02 5.62
CA THR A 108 5.72 11.45 5.75
C THR A 108 4.69 11.70 6.86
N CYS A 109 4.37 10.65 7.62
CA CYS A 109 3.40 10.77 8.70
C CYS A 109 4.03 10.79 10.07
N GLY A 110 5.34 10.61 10.12
CA GLY A 110 6.03 10.61 11.40
C GLY A 110 5.51 9.64 12.44
N SER A 111 4.90 8.56 11.99
CA SER A 111 4.39 7.55 12.90
C SER A 111 5.54 6.83 13.59
N SER A 112 5.30 6.40 14.82
CA SER A 112 6.31 5.69 15.60
C SER A 112 6.02 4.20 15.66
N ASP A 113 4.90 3.79 15.10
CA ASP A 113 4.53 2.38 15.06
C ASP A 113 5.11 1.81 13.77
N LEU A 114 6.30 1.23 13.87
CA LEU A 114 7.01 0.66 12.73
C LEU A 114 6.76 -0.85 12.55
N TYR A 115 7.08 -1.36 11.34
CA TYR A 115 6.89 -2.77 11.03
C TYR A 115 8.08 -3.22 10.22
N LEU A 116 8.88 -4.12 10.78
CA LEU A 116 10.07 -4.63 10.12
C LEU A 116 9.79 -5.89 9.31
N VAL A 117 10.27 -5.93 8.07
CA VAL A 117 10.07 -7.09 7.21
C VAL A 117 11.38 -7.86 7.10
N THR A 118 11.34 -9.16 7.41
CA THR A 118 12.53 -9.99 7.38
C THR A 118 12.72 -10.64 6.00
N ARG A 119 13.85 -11.30 5.81
CA ARG A 119 14.16 -11.98 4.55
C ARG A 119 13.23 -13.15 4.27
N HIS A 120 12.40 -13.51 5.24
CA HIS A 120 11.47 -14.61 5.07
C HIS A 120 10.06 -14.10 4.89
N ALA A 121 9.95 -12.77 4.76
CA ALA A 121 8.69 -12.07 4.57
C ALA A 121 7.88 -11.88 5.85
N ASP A 122 8.44 -12.27 6.99
CA ASP A 122 7.74 -12.11 8.27
C ASP A 122 7.71 -10.61 8.55
N VAL A 123 6.72 -10.17 9.30
CA VAL A 123 6.61 -8.76 9.65
C VAL A 123 6.70 -8.71 11.17
N ILE A 124 7.52 -7.78 11.66
CA ILE A 124 7.75 -7.64 13.10
C ILE A 124 7.42 -6.23 13.55
N PRO A 125 6.39 -6.09 14.41
CA PRO A 125 6.02 -4.76 14.90
C PRO A 125 7.13 -4.19 15.80
N VAL A 126 7.60 -3.00 15.47
CA VAL A 126 8.66 -2.35 16.20
C VAL A 126 8.15 -0.96 16.57
N ARG A 127 8.33 -0.57 17.82
CA ARG A 127 7.89 0.74 18.26
C ARG A 127 9.13 1.61 18.32
N ARG A 128 9.08 2.73 17.64
CA ARG A 128 10.21 3.62 17.58
C ARG A 128 10.50 4.26 18.91
N ARG A 129 11.79 4.41 19.21
CA ARG A 129 12.22 5.01 20.45
C ARG A 129 13.04 6.28 20.21
N GLY A 130 13.47 6.47 18.97
CA GLY A 130 14.25 7.65 18.63
C GLY A 130 14.63 7.66 17.16
N ASP A 131 15.34 8.70 16.73
CA ASP A 131 15.79 8.86 15.34
C ASP A 131 16.17 7.57 14.63
N SER A 132 16.93 6.70 15.28
CA SER A 132 17.36 5.47 14.63
C SER A 132 17.33 4.23 15.53
N ARG A 133 16.32 4.12 16.39
CA ARG A 133 16.19 2.97 17.28
C ARG A 133 14.72 2.64 17.52
N GLY A 134 14.43 1.35 17.65
CA GLY A 134 13.08 0.90 17.88
C GLY A 134 13.10 -0.37 18.70
N SER A 135 12.02 -0.64 19.43
CA SER A 135 11.94 -1.82 20.26
C SER A 135 10.89 -2.79 19.73
N LEU A 136 11.27 -4.05 19.60
CA LEU A 136 10.34 -5.06 19.12
C LEU A 136 9.23 -5.19 20.15
N LEU A 137 8.00 -5.27 19.69
CA LEU A 137 6.88 -5.42 20.61
C LEU A 137 6.94 -6.79 21.28
N SER A 138 7.58 -7.73 20.60
CA SER A 138 7.72 -9.09 21.09
C SER A 138 9.11 -9.52 20.68
N PRO A 139 10.05 -9.53 21.64
CA PRO A 139 11.43 -9.92 21.34
C PRO A 139 11.45 -11.28 20.67
N ARG A 140 12.46 -11.51 19.83
CA ARG A 140 12.56 -12.76 19.11
C ARG A 140 13.99 -13.27 19.09
N PRO A 141 14.18 -14.58 18.87
CA PRO A 141 15.51 -15.16 18.83
C PRO A 141 16.29 -14.37 17.79
N ILE A 142 17.56 -14.08 18.05
CA ILE A 142 18.35 -13.31 17.11
C ILE A 142 18.25 -13.90 15.69
N SER A 143 18.22 -15.22 15.59
CA SER A 143 18.13 -15.88 14.30
C SER A 143 16.95 -15.39 13.49
N TYR A 144 15.82 -15.17 14.15
CA TYR A 144 14.62 -14.71 13.46
C TYR A 144 14.89 -13.45 12.63
N LEU A 145 15.84 -12.64 13.08
CA LEU A 145 16.20 -11.42 12.38
C LEU A 145 17.47 -11.52 11.53
N LYS A 146 18.16 -12.65 11.62
CA LYS A 146 19.40 -12.84 10.87
C LYS A 146 19.19 -12.79 9.35
N GLY A 147 20.16 -12.18 8.68
CA GLY A 147 20.12 -12.04 7.23
C GLY A 147 19.15 -10.98 6.74
N SER A 148 18.57 -10.21 7.65
CA SER A 148 17.60 -9.19 7.26
C SER A 148 18.11 -7.76 7.30
N SER A 149 19.35 -7.52 7.69
CA SER A 149 19.82 -6.14 7.71
C SER A 149 19.81 -5.64 6.27
N GLY A 150 19.22 -4.47 6.06
CA GLY A 150 19.12 -3.91 4.73
C GLY A 150 17.65 -3.85 4.37
N GLY A 151 16.84 -4.59 5.14
CA GLY A 151 15.39 -4.62 4.95
C GLY A 151 14.71 -3.35 5.37
N PRO A 152 13.41 -3.20 5.08
CA PRO A 152 12.69 -1.98 5.44
C PRO A 152 11.98 -1.96 6.80
N LEU A 153 11.82 -0.76 7.34
CA LEU A 153 11.10 -0.55 8.58
C LEU A 153 9.97 0.33 8.08
N LEU A 154 8.80 -0.27 7.94
CA LEU A 154 7.60 0.39 7.41
C LEU A 154 6.68 1.02 8.45
N CYS A 155 6.08 2.14 8.09
CA CYS A 155 5.14 2.83 8.97
C CYS A 155 3.78 2.16 8.72
N PRO A 156 2.71 2.59 9.43
CA PRO A 156 1.38 1.99 9.22
C PRO A 156 0.84 2.05 7.79
N THR A 157 1.44 2.91 6.95
CA THR A 157 1.01 3.08 5.58
C THR A 157 1.87 2.30 4.57
N GLY A 158 2.84 1.54 5.06
CA GLY A 158 3.71 0.78 4.19
C GLY A 158 4.84 1.59 3.57
N HIS A 159 5.04 2.81 4.05
CA HIS A 159 6.09 3.69 3.56
C HIS A 159 7.39 3.50 4.35
N ALA A 160 8.52 3.68 3.69
CA ALA A 160 9.83 3.51 4.30
C ALA A 160 10.14 4.48 5.42
N VAL A 161 10.39 3.95 6.61
CA VAL A 161 10.74 4.74 7.78
C VAL A 161 12.26 4.75 7.87
N GLY A 162 12.85 3.60 7.57
CA GLY A 162 14.30 3.46 7.61
C GLY A 162 14.72 2.08 7.15
N LEU A 163 16.02 1.86 7.07
CA LEU A 163 16.59 0.57 6.67
C LEU A 163 17.08 -0.10 7.94
N PHE A 164 16.70 -1.35 8.15
CA PHE A 164 17.14 -2.09 9.33
C PHE A 164 18.67 -2.20 9.26
N ARG A 165 19.33 -1.60 10.24
CA ARG A 165 20.79 -1.60 10.31
C ARG A 165 21.38 -2.74 11.12
N ALA A 166 20.89 -2.93 12.35
CA ALA A 166 21.43 -3.99 13.19
C ALA A 166 20.50 -4.39 14.31
N ALA A 167 20.66 -5.63 14.76
CA ALA A 167 19.87 -6.19 15.85
C ALA A 167 20.55 -5.91 17.18
N VAL A 168 19.81 -5.29 18.09
CA VAL A 168 20.29 -4.97 19.43
C VAL A 168 19.78 -6.06 20.34
N CYS A 169 20.64 -7.00 20.69
CA CYS A 169 20.20 -8.11 21.53
C CYS A 169 20.95 -8.37 22.82
N THR A 170 20.23 -8.96 23.77
CA THR A 170 20.79 -9.31 25.05
C THR A 170 21.27 -10.77 24.98
N ARG A 171 20.73 -11.67 25.78
CA ARG A 171 21.24 -13.04 25.74
C ARG A 171 20.70 -13.87 24.58
N GLY A 172 20.96 -13.40 23.37
CA GLY A 172 20.52 -14.12 22.18
C GLY A 172 19.14 -13.71 21.71
N VAL A 173 18.44 -12.93 22.53
CA VAL A 173 17.11 -12.48 22.17
C VAL A 173 17.15 -11.04 21.68
N ALA A 174 16.71 -10.83 20.44
CA ALA A 174 16.67 -9.50 19.86
C ALA A 174 15.44 -8.81 20.42
N LYS A 175 15.65 -7.72 21.16
CA LYS A 175 14.55 -6.98 21.76
C LYS A 175 14.40 -5.61 21.10
N ALA A 176 15.47 -5.13 20.47
CA ALA A 176 15.42 -3.84 19.82
C ALA A 176 16.10 -3.93 18.46
N VAL A 177 15.98 -2.85 17.70
CA VAL A 177 16.50 -2.78 16.35
C VAL A 177 17.18 -1.43 16.12
N ASP A 178 18.25 -1.44 15.33
CA ASP A 178 19.01 -0.24 15.02
C ASP A 178 18.72 0.03 13.54
N PHE A 179 18.49 1.28 13.16
CA PHE A 179 18.21 1.54 11.75
C PHE A 179 18.71 2.86 11.18
N ILE A 180 18.65 2.97 9.86
CA ILE A 180 19.07 4.13 9.09
C ILE A 180 17.80 4.84 8.62
N PRO A 181 17.48 6.01 9.20
CA PRO A 181 16.26 6.71 8.77
C PRO A 181 16.28 7.16 7.30
N VAL A 182 15.10 7.25 6.68
CA VAL A 182 15.00 7.67 5.27
C VAL A 182 15.56 9.05 4.99
N GLU A 183 15.55 9.92 6.00
CA GLU A 183 16.11 11.25 5.83
C GLU A 183 17.58 11.15 5.43
N ASN A 184 18.28 10.14 5.97
CA ASN A 184 19.68 9.93 5.63
C ASN A 184 19.81 9.59 4.16
N LEU A 185 19.00 8.63 3.69
CA LEU A 185 19.02 8.23 2.28
C LEU A 185 18.76 9.46 1.43
N GLU A 186 17.69 10.17 1.78
CA GLU A 186 17.28 11.37 1.07
C GLU A 186 18.41 12.41 0.98
N THR A 187 19.09 12.70 2.09
CA THR A 187 20.16 13.66 2.06
C THR A 187 21.31 13.12 1.23
N THR A 188 21.60 11.83 1.41
CA THR A 188 22.67 11.17 0.67
C THR A 188 22.48 11.33 -0.83
N MET A 189 21.22 11.39 -1.26
CA MET A 189 20.90 11.58 -2.67
C MET A 189 21.02 13.06 -3.02
N ARG A 190 21.99 13.75 -2.41
CA ARG A 190 22.19 15.17 -2.64
C ARG A 190 23.61 15.61 -2.26
N PRO B 12 1.51 -3.46 8.33
CA PRO B 12 1.18 -2.16 7.77
C PRO B 12 0.21 -2.30 6.60
N ILE B 13 -0.48 -1.21 6.27
CA ILE B 13 -1.44 -1.24 5.18
C ILE B 13 -0.69 -1.26 3.86
N THR B 14 -0.94 -2.30 3.06
CA THR B 14 -0.33 -2.44 1.75
C THR B 14 -1.45 -2.82 0.80
N ALA B 15 -1.33 -2.43 -0.46
CA ALA B 15 -2.37 -2.72 -1.44
C ALA B 15 -1.80 -2.92 -2.82
N TYR B 16 -2.50 -3.67 -3.66
CA TYR B 16 -2.06 -3.83 -5.04
C TYR B 16 -3.28 -3.84 -5.95
N ALA B 17 -3.12 -3.36 -7.16
CA ALA B 17 -4.23 -3.31 -8.10
C ALA B 17 -4.06 -4.34 -9.19
N GLN B 18 -5.18 -4.73 -9.81
CA GLN B 18 -5.18 -5.70 -10.88
C GLN B 18 -6.32 -5.34 -11.82
N GLN B 19 -6.04 -5.30 -13.11
CA GLN B 19 -7.03 -4.99 -14.13
C GLN B 19 -7.66 -6.30 -14.59
N THR B 20 -8.99 -6.36 -14.63
CA THR B 20 -9.68 -7.56 -15.03
C THR B 20 -10.31 -7.48 -16.41
N ARG B 21 -10.54 -6.26 -16.90
CA ARG B 21 -11.08 -6.10 -18.24
C ARG B 21 -10.76 -4.78 -18.90
N GLY B 22 -10.87 -4.75 -20.21
CA GLY B 22 -10.55 -3.55 -20.96
C GLY B 22 -11.76 -2.78 -21.47
N LEU B 23 -11.48 -1.72 -22.20
CA LEU B 23 -12.49 -0.82 -22.77
C LEU B 23 -13.64 -1.54 -23.46
N LEU B 24 -13.33 -2.38 -24.44
CA LEU B 24 -14.35 -3.09 -25.20
C LEU B 24 -15.18 -4.06 -24.36
N GLY B 25 -14.51 -4.86 -23.53
CA GLY B 25 -15.24 -5.81 -22.70
C GLY B 25 -16.11 -5.10 -21.69
N CYS B 26 -15.62 -3.97 -21.19
CA CYS B 26 -16.36 -3.18 -20.23
C CYS B 26 -17.66 -2.72 -20.87
N ILE B 27 -17.56 -2.15 -22.07
CA ILE B 27 -18.72 -1.66 -22.81
C ILE B 27 -19.74 -2.77 -23.05
N ILE B 28 -19.30 -3.91 -23.58
CA ILE B 28 -20.19 -5.03 -23.84
C ILE B 28 -20.89 -5.45 -22.55
N THR B 29 -20.10 -5.65 -21.49
CA THR B 29 -20.64 -6.06 -20.19
C THR B 29 -21.59 -5.03 -19.62
N SER B 30 -21.33 -3.76 -19.91
CA SER B 30 -22.17 -2.68 -19.42
C SER B 30 -23.57 -2.76 -20.00
N LEU B 31 -23.64 -3.09 -21.29
CA LEU B 31 -24.92 -3.18 -21.96
C LEU B 31 -25.65 -4.48 -21.62
N THR B 32 -24.96 -5.61 -21.63
CA THR B 32 -25.59 -6.89 -21.32
C THR B 32 -25.97 -6.98 -19.85
N GLY B 33 -25.10 -6.44 -19.00
CA GLY B 33 -25.34 -6.48 -17.56
C GLY B 33 -24.95 -7.81 -16.96
N ARG B 34 -24.24 -8.64 -17.72
CA ARG B 34 -23.83 -9.94 -17.22
C ARG B 34 -22.31 -9.97 -17.15
N ASP B 35 -21.78 -10.28 -15.97
CA ASP B 35 -20.34 -10.32 -15.76
C ASP B 35 -19.98 -11.63 -15.10
N LYS B 36 -19.37 -12.53 -15.86
CA LYS B 36 -18.98 -13.83 -15.36
C LYS B 36 -17.60 -13.89 -14.70
N ASN B 37 -16.85 -12.79 -14.75
CA ASN B 37 -15.52 -12.74 -14.13
C ASN B 37 -15.65 -13.01 -12.64
N GLN B 38 -14.61 -13.57 -12.06
CA GLN B 38 -14.61 -13.86 -10.62
C GLN B 38 -14.18 -12.59 -9.90
N VAL B 39 -14.69 -12.40 -8.69
CA VAL B 39 -14.37 -11.21 -7.91
C VAL B 39 -13.42 -11.54 -6.77
N GLU B 40 -12.55 -10.58 -6.45
CA GLU B 40 -11.61 -10.72 -5.35
C GLU B 40 -11.35 -9.34 -4.82
N GLY B 41 -10.79 -9.26 -3.61
CA GLY B 41 -10.47 -7.96 -3.05
C GLY B 41 -11.58 -7.26 -2.30
N GLU B 42 -11.17 -6.24 -1.57
CA GLU B 42 -12.05 -5.43 -0.72
C GLU B 42 -12.58 -4.25 -1.52
N VAL B 43 -11.76 -3.78 -2.46
CA VAL B 43 -12.12 -2.63 -3.27
C VAL B 43 -12.21 -3.06 -4.73
N GLN B 44 -13.32 -2.74 -5.38
CA GLN B 44 -13.52 -3.06 -6.77
C GLN B 44 -13.31 -1.79 -7.60
N ILE B 45 -12.57 -1.90 -8.69
CA ILE B 45 -12.39 -0.74 -9.54
C ILE B 45 -13.58 -0.85 -10.50
N VAL B 46 -14.47 0.13 -10.46
CA VAL B 46 -15.64 0.09 -11.30
C VAL B 46 -15.69 1.21 -12.33
N SER B 47 -16.47 1.00 -13.38
CA SER B 47 -16.57 1.97 -14.44
C SER B 47 -17.93 1.93 -15.13
N THR B 48 -18.25 3.05 -15.76
CA THR B 48 -19.48 3.23 -16.52
C THR B 48 -18.97 3.72 -17.89
N ALA B 49 -19.86 4.25 -18.72
CA ALA B 49 -19.46 4.75 -20.03
C ALA B 49 -18.72 6.06 -19.84
N THR B 50 -19.23 6.89 -18.94
CA THR B 50 -18.66 8.19 -18.66
C THR B 50 -17.44 8.22 -17.74
N GLN B 51 -17.31 7.27 -16.82
CA GLN B 51 -16.19 7.34 -15.88
C GLN B 51 -15.82 6.08 -15.11
N THR B 52 -14.71 6.17 -14.37
CA THR B 52 -14.19 5.10 -13.54
C THR B 52 -14.00 5.66 -12.14
N PHE B 53 -14.34 4.86 -11.15
CA PHE B 53 -14.20 5.24 -9.75
C PHE B 53 -14.02 3.95 -8.94
N LEU B 54 -14.16 4.03 -7.63
CA LEU B 54 -13.98 2.85 -6.80
C LEU B 54 -15.23 2.55 -5.99
N ALA B 55 -15.36 1.30 -5.58
CA ALA B 55 -16.48 0.83 -4.79
C ALA B 55 -15.81 -0.03 -3.75
N THR B 56 -16.11 0.23 -2.48
CA THR B 56 -15.54 -0.48 -1.36
C THR B 56 -16.56 -1.37 -0.68
N CYS B 57 -16.17 -2.59 -0.39
CA CYS B 57 -17.08 -3.52 0.28
C CYS B 57 -16.92 -3.45 1.79
N ILE B 58 -17.99 -3.08 2.48
CA ILE B 58 -18.00 -2.99 3.93
C ILE B 58 -19.21 -3.79 4.44
N ASN B 59 -18.97 -4.71 5.37
CA ASN B 59 -20.03 -5.54 5.95
C ASN B 59 -21.00 -6.19 4.96
N GLY B 60 -20.46 -6.76 3.90
CA GLY B 60 -21.30 -7.44 2.92
C GLY B 60 -22.00 -6.57 1.89
N VAL B 61 -21.68 -5.29 1.85
CA VAL B 61 -22.30 -4.38 0.89
C VAL B 61 -21.23 -3.63 0.12
N CYS B 62 -21.38 -3.57 -1.19
CA CYS B 62 -20.44 -2.87 -2.07
C CYS B 62 -20.93 -1.44 -2.20
N TRP B 63 -20.35 -0.55 -1.39
CA TRP B 63 -20.69 0.86 -1.37
C TRP B 63 -19.88 1.67 -2.34
N THR B 64 -20.50 2.70 -2.90
CA THR B 64 -19.79 3.58 -3.80
C THR B 64 -20.44 4.96 -3.77
N VAL B 65 -19.88 5.85 -4.57
CA VAL B 65 -20.31 7.23 -4.66
C VAL B 65 -21.45 7.40 -5.69
N TYR B 66 -22.49 8.13 -5.29
CA TYR B 66 -23.64 8.36 -6.18
C TYR B 66 -23.29 9.23 -7.38
N HIS B 67 -22.28 10.09 -7.25
CA HIS B 67 -21.90 10.93 -8.38
C HIS B 67 -21.19 10.13 -9.46
N GLY B 68 -21.09 8.83 -9.26
CA GLY B 68 -20.45 7.97 -10.23
C GLY B 68 -21.43 6.92 -10.71
N ALA B 69 -21.96 6.16 -9.76
CA ALA B 69 -22.90 5.08 -10.07
C ALA B 69 -24.26 5.56 -10.52
N GLY B 70 -24.77 6.63 -9.90
CA GLY B 70 -26.08 7.11 -10.26
C GLY B 70 -27.10 6.11 -9.72
N THR B 71 -28.13 5.82 -10.50
CA THR B 71 -29.13 4.87 -10.04
C THR B 71 -28.93 3.50 -10.68
N ARG B 72 -27.89 3.37 -11.51
CA ARG B 72 -27.69 2.11 -12.22
C ARG B 72 -27.35 0.85 -11.46
N THR B 73 -27.58 -0.25 -12.14
CA THR B 73 -27.36 -1.58 -11.60
C THR B 73 -25.89 -1.95 -11.78
N ILE B 74 -25.47 -3.04 -11.14
CA ILE B 74 -24.09 -3.50 -11.28
C ILE B 74 -24.13 -4.81 -12.05
N ALA B 75 -23.26 -4.94 -13.04
CA ALA B 75 -23.21 -6.15 -13.83
C ALA B 75 -22.74 -7.30 -12.95
N SER B 76 -23.46 -8.40 -12.96
CA SER B 76 -23.10 -9.56 -12.16
C SER B 76 -23.25 -10.84 -12.97
N PRO B 77 -22.78 -11.98 -12.44
CA PRO B 77 -22.90 -13.26 -13.13
C PRO B 77 -24.33 -13.57 -13.52
N LYS B 78 -25.27 -13.14 -12.67
CA LYS B 78 -26.68 -13.38 -12.87
C LYS B 78 -27.42 -12.23 -13.54
N GLY B 79 -26.67 -11.41 -14.28
CA GLY B 79 -27.26 -10.27 -14.96
C GLY B 79 -27.10 -9.03 -14.10
N PRO B 80 -27.69 -7.90 -14.50
CA PRO B 80 -27.55 -6.69 -13.70
C PRO B 80 -28.24 -6.84 -12.35
N VAL B 81 -27.66 -6.23 -11.32
CA VAL B 81 -28.18 -6.27 -9.97
C VAL B 81 -28.57 -4.86 -9.54
N ILE B 82 -29.81 -4.70 -9.11
CA ILE B 82 -30.34 -3.41 -8.65
C ILE B 82 -29.74 -3.00 -7.30
N GLN B 83 -29.63 -1.70 -7.05
CA GLN B 83 -29.06 -1.22 -5.80
C GLN B 83 -29.86 -1.54 -4.55
N MET B 84 -29.14 -1.85 -3.47
CA MET B 84 -29.73 -2.13 -2.17
C MET B 84 -30.08 -0.83 -1.47
N TYR B 85 -29.16 0.14 -1.56
CA TYR B 85 -29.33 1.43 -0.91
C TYR B 85 -28.98 2.54 -1.89
N THR B 86 -29.58 3.69 -1.68
CA THR B 86 -29.33 4.86 -2.51
C THR B 86 -29.58 6.05 -1.62
N ASN B 87 -28.73 7.06 -1.71
CA ASN B 87 -28.88 8.26 -0.90
C ASN B 87 -28.17 9.42 -1.61
N VAL B 88 -28.88 10.03 -2.55
CA VAL B 88 -28.35 11.15 -3.34
C VAL B 88 -27.78 12.22 -2.42
N ASP B 89 -28.47 12.48 -1.32
CA ASP B 89 -28.04 13.49 -0.37
C ASP B 89 -26.65 13.19 0.14
N GLN B 90 -26.48 12.00 0.69
CA GLN B 90 -25.18 11.60 1.24
C GLN B 90 -24.20 11.12 0.19
N ASP B 91 -24.65 11.11 -1.07
CA ASP B 91 -23.83 10.69 -2.21
C ASP B 91 -23.44 9.22 -2.10
N LEU B 92 -24.36 8.41 -1.58
CA LEU B 92 -24.13 6.98 -1.39
C LEU B 92 -24.97 6.08 -2.27
N VAL B 93 -24.41 4.91 -2.59
CA VAL B 93 -25.06 3.91 -3.41
C VAL B 93 -24.48 2.60 -2.89
N GLY B 94 -25.26 1.53 -2.94
CA GLY B 94 -24.78 0.24 -2.46
C GLY B 94 -25.52 -0.93 -3.07
N TRP B 95 -24.76 -1.95 -3.47
CA TRP B 95 -25.30 -3.18 -4.07
C TRP B 95 -24.79 -4.29 -3.17
N PRO B 96 -25.38 -5.51 -3.27
CA PRO B 96 -24.85 -6.58 -2.41
C PRO B 96 -23.40 -6.77 -2.84
N ALA B 97 -22.50 -7.05 -1.92
CA ALA B 97 -21.11 -7.23 -2.31
C ALA B 97 -21.06 -8.41 -3.27
N PRO B 98 -20.36 -8.24 -4.40
CA PRO B 98 -20.29 -9.34 -5.37
C PRO B 98 -19.67 -10.58 -4.76
N GLN B 99 -20.21 -11.74 -5.12
CA GLN B 99 -19.68 -13.00 -4.63
C GLN B 99 -18.19 -13.09 -4.97
N GLY B 100 -17.38 -13.47 -4.00
CA GLY B 100 -15.95 -13.59 -4.22
C GLY B 100 -15.12 -12.53 -3.51
N SER B 101 -15.70 -11.36 -3.31
CA SER B 101 -15.00 -10.26 -2.66
C SER B 101 -14.88 -10.46 -1.15
N ARG B 102 -14.13 -9.58 -0.51
CA ARG B 102 -13.94 -9.62 0.93
C ARG B 102 -14.33 -8.23 1.42
N SER B 103 -15.00 -8.17 2.54
CA SER B 103 -15.43 -6.88 3.07
C SER B 103 -14.56 -6.37 4.20
N LEU B 104 -14.56 -5.06 4.36
CA LEU B 104 -13.83 -4.42 5.45
C LEU B 104 -14.89 -4.31 6.54
N THR B 105 -14.47 -3.91 7.73
CA THR B 105 -15.40 -3.72 8.83
C THR B 105 -15.18 -2.31 9.35
N PRO B 106 -16.23 -1.65 9.82
CA PRO B 106 -16.11 -0.28 10.33
C PRO B 106 -15.05 -0.14 11.43
N CYS B 107 -14.53 1.07 11.56
CA CYS B 107 -13.51 1.36 12.57
C CYS B 107 -14.19 1.51 13.91
N THR B 108 -13.53 1.04 14.97
CA THR B 108 -14.06 1.12 16.33
C THR B 108 -12.91 1.44 17.29
N CYS B 109 -12.20 2.53 16.99
CA CYS B 109 -11.08 2.94 17.80
C CYS B 109 -11.03 4.46 17.80
N GLY B 110 -11.91 5.07 17.03
CA GLY B 110 -11.96 6.52 16.97
C GLY B 110 -10.67 7.17 16.53
N SER B 111 -9.77 6.40 15.91
CA SER B 111 -8.50 6.96 15.47
C SER B 111 -8.69 8.13 14.49
N SER B 112 -7.79 9.11 14.58
CA SER B 112 -7.83 10.28 13.71
C SER B 112 -6.71 10.24 12.66
N ASP B 113 -5.92 9.18 12.67
CA ASP B 113 -4.83 9.00 11.70
C ASP B 113 -5.38 8.03 10.66
N LEU B 114 -5.78 8.56 9.51
CA LEU B 114 -6.37 7.76 8.43
C LEU B 114 -5.44 7.54 7.25
N TYR B 115 -5.76 6.53 6.45
CA TYR B 115 -4.99 6.16 5.26
C TYR B 115 -5.91 5.95 4.07
N LEU B 116 -5.76 6.79 3.05
CA LEU B 116 -6.55 6.76 1.84
C LEU B 116 -5.94 5.81 0.80
N VAL B 117 -6.75 4.89 0.29
CA VAL B 117 -6.30 3.96 -0.73
C VAL B 117 -6.81 4.44 -2.09
N THR B 118 -5.88 4.94 -2.91
CA THR B 118 -6.20 5.46 -4.23
C THR B 118 -6.45 4.38 -5.27
N ARG B 119 -6.98 4.80 -6.41
CA ARG B 119 -7.27 3.91 -7.52
C ARG B 119 -6.02 3.18 -8.05
N HIS B 120 -4.85 3.73 -7.76
CA HIS B 120 -3.61 3.13 -8.23
C HIS B 120 -2.98 2.27 -7.15
N ALA B 121 -3.77 1.96 -6.11
CA ALA B 121 -3.32 1.13 -5.01
C ALA B 121 -2.19 1.77 -4.20
N ASP B 122 -2.28 3.07 -4.01
CA ASP B 122 -1.29 3.78 -3.23
C ASP B 122 -2.02 4.14 -1.94
N VAL B 123 -1.34 3.97 -0.82
CA VAL B 123 -1.90 4.27 0.49
C VAL B 123 -1.30 5.58 0.93
N ILE B 124 -2.11 6.61 1.05
CA ILE B 124 -1.60 7.91 1.46
C ILE B 124 -2.17 8.37 2.80
N PRO B 125 -1.33 8.81 3.73
CA PRO B 125 -1.82 9.26 5.05
C PRO B 125 -2.69 10.51 4.96
N VAL B 126 -3.66 10.57 5.86
CA VAL B 126 -4.61 11.68 5.92
C VAL B 126 -4.94 11.88 7.40
N ARG B 127 -4.90 13.13 7.85
CA ARG B 127 -5.22 13.44 9.24
C ARG B 127 -6.67 13.92 9.33
N ARG B 128 -7.43 13.34 10.24
CA ARG B 128 -8.82 13.69 10.43
C ARG B 128 -8.93 15.12 10.95
N ARG B 129 -9.66 15.95 10.22
CA ARG B 129 -9.83 17.34 10.62
C ARG B 129 -11.30 17.60 10.90
N GLY B 130 -12.03 16.53 11.25
CA GLY B 130 -13.45 16.67 11.52
C GLY B 130 -14.22 15.49 10.95
N ASP B 131 -15.52 15.45 11.24
CA ASP B 131 -16.39 14.39 10.80
C ASP B 131 -16.19 13.88 9.37
N SER B 132 -16.19 14.79 8.40
CA SER B 132 -16.02 14.37 7.01
C SER B 132 -14.90 15.04 6.23
N ARG B 133 -13.78 15.33 6.90
CA ARG B 133 -12.65 15.94 6.21
C ARG B 133 -11.34 15.49 6.82
N GLY B 134 -10.29 15.59 6.04
CA GLY B 134 -8.96 15.20 6.50
C GLY B 134 -7.92 15.86 5.63
N SER B 135 -6.80 16.25 6.22
CA SER B 135 -5.74 16.90 5.47
C SER B 135 -4.72 15.91 4.97
N LEU B 136 -4.36 16.01 3.71
CA LEU B 136 -3.34 15.13 3.18
C LEU B 136 -2.07 15.59 3.87
N LEU B 137 -1.26 14.65 4.38
CA LEU B 137 -0.03 15.03 5.06
C LEU B 137 1.02 15.49 4.05
N SER B 138 0.77 15.17 2.79
CA SER B 138 1.68 15.57 1.73
C SER B 138 0.80 15.86 0.52
N PRO B 139 0.59 17.16 0.22
CA PRO B 139 -0.23 17.57 -0.92
C PRO B 139 0.17 16.88 -2.21
N ARG B 140 -0.83 16.56 -3.01
CA ARG B 140 -0.60 15.87 -4.27
C ARG B 140 -1.46 16.49 -5.34
N PRO B 141 -1.07 16.35 -6.61
CA PRO B 141 -1.85 16.92 -7.71
C PRO B 141 -3.19 16.18 -7.77
N ILE B 142 -4.29 16.90 -7.90
CA ILE B 142 -5.60 16.25 -7.95
C ILE B 142 -5.69 15.06 -8.90
N SER B 143 -4.83 15.04 -9.92
CA SER B 143 -4.81 13.96 -10.90
C SER B 143 -4.53 12.62 -10.22
N TYR B 144 -3.67 12.66 -9.22
CA TYR B 144 -3.30 11.48 -8.47
C TYR B 144 -4.56 10.84 -7.92
N LEU B 145 -5.47 11.68 -7.46
CA LEU B 145 -6.72 11.22 -6.87
C LEU B 145 -7.86 10.95 -7.84
N LYS B 146 -7.68 11.27 -9.11
CA LYS B 146 -8.75 11.04 -10.09
C LYS B 146 -9.12 9.56 -10.14
N GLY B 147 -10.42 9.29 -10.06
CA GLY B 147 -10.93 7.93 -10.11
C GLY B 147 -10.90 7.24 -8.77
N SER B 148 -10.60 7.96 -7.70
CA SER B 148 -10.54 7.35 -6.39
C SER B 148 -11.79 7.53 -5.54
N SER B 149 -12.83 8.16 -6.09
CA SER B 149 -14.07 8.34 -5.33
C SER B 149 -14.70 6.98 -5.09
N GLY B 150 -15.06 6.71 -3.84
CA GLY B 150 -15.64 5.44 -3.48
C GLY B 150 -14.62 4.55 -2.79
N GLY B 151 -13.34 4.93 -2.88
CA GLY B 151 -12.27 4.19 -2.25
C GLY B 151 -12.27 4.35 -0.75
N PRO B 152 -11.66 3.44 0.01
CA PRO B 152 -11.63 3.51 1.46
C PRO B 152 -10.61 4.40 2.17
N LEU B 153 -11.03 4.91 3.33
CA LEU B 153 -10.17 5.70 4.20
C LEU B 153 -10.07 4.80 5.41
N LEU B 154 -8.95 4.13 5.54
CA LEU B 154 -8.74 3.18 6.61
C LEU B 154 -8.06 3.75 7.86
N CYS B 155 -8.42 3.20 9.01
CA CYS B 155 -7.80 3.60 10.26
C CYS B 155 -6.55 2.73 10.30
N PRO B 156 -5.64 2.95 11.27
CA PRO B 156 -4.42 2.17 11.39
C PRO B 156 -4.59 0.65 11.41
N THR B 157 -5.68 0.16 11.98
CA THR B 157 -5.89 -1.28 12.04
C THR B 157 -6.52 -1.84 10.77
N GLY B 158 -6.68 -0.99 9.75
CA GLY B 158 -7.26 -1.43 8.49
C GLY B 158 -8.77 -1.57 8.51
N HIS B 159 -9.44 -0.74 9.28
CA HIS B 159 -10.89 -0.79 9.32
C HIS B 159 -11.42 0.47 8.67
N ALA B 160 -12.56 0.36 8.00
CA ALA B 160 -13.13 1.49 7.28
C ALA B 160 -13.58 2.64 8.15
N VAL B 161 -13.12 3.83 7.80
CA VAL B 161 -13.48 5.04 8.50
C VAL B 161 -14.43 5.87 7.61
N GLY B 162 -14.31 5.70 6.30
CA GLY B 162 -15.17 6.42 5.38
C GLY B 162 -14.81 6.13 3.95
N LEU B 163 -15.52 6.73 3.01
CA LEU B 163 -15.27 6.54 1.57
C LEU B 163 -14.90 7.89 0.97
N PHE B 164 -13.80 7.95 0.23
CA PHE B 164 -13.39 9.20 -0.40
C PHE B 164 -14.52 9.71 -1.29
N ARG B 165 -14.97 10.93 -1.04
CA ARG B 165 -16.04 11.53 -1.84
C ARG B 165 -15.47 12.51 -2.85
N ALA B 166 -14.73 13.49 -2.36
CA ALA B 166 -14.14 14.48 -3.25
C ALA B 166 -12.89 15.08 -2.62
N ALA B 167 -12.01 15.60 -3.47
CA ALA B 167 -10.77 16.20 -2.99
C ALA B 167 -10.92 17.71 -2.84
N VAL B 168 -10.23 18.24 -1.84
CA VAL B 168 -10.24 19.67 -1.54
C VAL B 168 -8.91 20.21 -2.03
N CYS B 169 -8.96 21.13 -2.97
CA CYS B 169 -7.73 21.68 -3.53
C CYS B 169 -7.78 23.14 -3.96
N THR B 170 -6.64 23.61 -4.46
CA THR B 170 -6.44 24.97 -4.94
C THR B 170 -5.20 24.89 -5.80
N ARG B 171 -5.27 25.47 -7.00
CA ARG B 171 -4.13 25.44 -7.93
C ARG B 171 -3.94 24.04 -8.51
N GLY B 172 -4.90 23.17 -8.28
CA GLY B 172 -4.80 21.82 -8.80
C GLY B 172 -4.00 20.88 -7.91
N VAL B 173 -3.75 21.29 -6.67
CA VAL B 173 -3.02 20.45 -5.72
C VAL B 173 -3.96 20.13 -4.56
N ALA B 174 -4.26 18.85 -4.42
CA ALA B 174 -5.13 18.35 -3.36
C ALA B 174 -4.43 18.42 -2.01
N LYS B 175 -4.99 19.19 -1.09
CA LYS B 175 -4.42 19.34 0.24
C LYS B 175 -5.30 18.68 1.32
N ALA B 176 -6.57 18.44 0.99
CA ALA B 176 -7.51 17.82 1.91
C ALA B 176 -8.45 16.93 1.13
N VAL B 177 -9.23 16.10 1.82
CA VAL B 177 -10.17 15.20 1.15
C VAL B 177 -11.49 15.13 1.89
N ASP B 178 -12.58 15.38 1.17
CA ASP B 178 -13.93 15.29 1.72
C ASP B 178 -14.37 13.84 1.62
N PHE B 179 -14.77 13.25 2.74
CA PHE B 179 -15.21 11.86 2.71
C PHE B 179 -16.55 11.59 3.38
N ILE B 180 -17.10 10.42 3.10
CA ILE B 180 -18.36 9.98 3.63
C ILE B 180 -18.07 9.11 4.85
N PRO B 181 -18.35 9.61 6.07
CA PRO B 181 -18.11 8.85 7.28
C PRO B 181 -18.92 7.56 7.26
N VAL B 182 -18.38 6.48 7.84
CA VAL B 182 -19.09 5.21 7.86
C VAL B 182 -20.48 5.38 8.49
N GLU B 183 -20.60 6.31 9.43
CA GLU B 183 -21.87 6.59 10.09
C GLU B 183 -22.97 6.86 9.07
N ASN B 184 -22.61 7.55 8.00
CA ASN B 184 -23.56 7.86 6.95
C ASN B 184 -24.05 6.59 6.25
N LEU B 185 -23.23 5.54 6.29
CA LEU B 185 -23.56 4.25 5.68
C LEU B 185 -24.68 3.58 6.46
N GLU B 186 -24.50 3.49 7.77
CA GLU B 186 -25.51 2.88 8.65
C GLU B 186 -26.80 3.71 8.60
N THR B 187 -26.65 5.03 8.56
CA THR B 187 -27.78 5.94 8.47
C THR B 187 -28.52 5.70 7.16
N THR B 188 -27.76 5.50 6.08
CA THR B 188 -28.34 5.25 4.76
C THR B 188 -29.11 3.91 4.74
N MET B 189 -28.66 2.94 5.52
CA MET B 189 -29.32 1.65 5.57
C MET B 189 -30.60 1.65 6.39
N ARG B 190 -30.77 2.64 7.27
CA ARG B 190 -31.97 2.75 8.09
C ARG B 190 -33.12 3.45 7.36
N GLY C 3 34.79 -9.21 -5.58
CA GLY C 3 33.43 -9.85 -5.72
C GLY C 3 32.33 -8.89 -6.09
N SER C 4 31.10 -9.38 -6.09
CA SER C 4 29.95 -8.56 -6.47
C SER C 4 28.72 -9.06 -5.69
N VAL C 5 27.76 -8.17 -5.48
CA VAL C 5 26.54 -8.53 -4.76
C VAL C 5 25.54 -9.01 -5.81
N VAL C 6 24.97 -10.20 -5.61
CA VAL C 6 24.01 -10.72 -6.55
C VAL C 6 22.65 -10.84 -5.88
N ILE C 7 21.59 -10.62 -6.64
CA ILE C 7 20.22 -10.70 -6.14
C ILE C 7 19.74 -12.15 -6.29
N VAL C 8 19.48 -12.80 -5.16
CA VAL C 8 19.04 -14.18 -5.17
C VAL C 8 17.55 -14.36 -4.97
N GLY C 9 16.82 -13.27 -4.81
CA GLY C 9 15.39 -13.37 -4.61
C GLY C 9 14.79 -11.99 -4.49
N ARG C 10 13.47 -11.92 -4.36
CA ARG C 10 12.75 -10.65 -4.27
C ARG C 10 11.53 -10.79 -3.38
N ILE C 11 11.08 -9.68 -2.82
CA ILE C 11 9.93 -9.62 -1.93
C ILE C 11 9.00 -8.51 -2.39
N VAL C 12 7.71 -8.84 -2.52
CA VAL C 12 6.68 -7.88 -2.92
C VAL C 12 5.87 -7.57 -1.65
N LEU C 13 6.02 -6.35 -1.14
CA LEU C 13 5.34 -5.95 0.07
C LEU C 13 3.82 -6.11 0.12
N SER C 14 3.16 -5.87 -1.01
CA SER C 14 1.71 -5.99 -1.06
C SER C 14 1.21 -7.41 -1.20
N GLY C 15 2.12 -8.36 -1.41
CA GLY C 15 1.73 -9.74 -1.59
C GLY C 15 1.14 -10.00 -2.96
N LYS C 16 1.39 -9.10 -3.90
CA LYS C 16 0.88 -9.24 -5.27
C LYS C 16 1.37 -10.52 -5.98
N PRO C 17 0.44 -11.33 -6.50
CA PRO C 17 0.78 -12.57 -7.21
C PRO C 17 0.92 -12.30 -8.70
N ALA C 18 1.66 -13.16 -9.39
CA ALA C 18 1.84 -13.01 -10.83
C ALA C 18 0.66 -13.61 -11.59
N LYS D 2 -30.16 2.85 -19.07
CA LYS D 2 -28.71 3.16 -18.87
C LYS D 2 -27.91 1.88 -18.60
N GLY D 3 -26.63 1.92 -18.92
CA GLY D 3 -25.78 0.76 -18.74
C GLY D 3 -25.52 0.44 -17.27
N SER D 4 -24.97 -0.73 -17.03
CA SER D 4 -24.65 -1.14 -15.68
C SER D 4 -23.23 -0.70 -15.32
N VAL D 5 -22.96 -0.61 -14.03
CA VAL D 5 -21.64 -0.28 -13.54
C VAL D 5 -20.91 -1.61 -13.66
N VAL D 6 -19.71 -1.58 -14.23
CA VAL D 6 -18.93 -2.79 -14.46
C VAL D 6 -17.61 -2.78 -13.71
N ILE D 7 -17.26 -3.93 -13.14
CA ILE D 7 -16.00 -4.09 -12.42
C ILE D 7 -14.89 -4.31 -13.48
N VAL D 8 -13.94 -3.37 -13.55
CA VAL D 8 -12.83 -3.47 -14.49
C VAL D 8 -11.50 -3.81 -13.83
N GLY D 9 -11.52 -4.07 -12.53
CA GLY D 9 -10.31 -4.39 -11.80
C GLY D 9 -10.60 -4.46 -10.32
N ARG D 10 -9.56 -4.59 -9.50
CA ARG D 10 -9.71 -4.67 -8.04
C ARG D 10 -8.45 -4.24 -7.33
N ILE D 11 -8.59 -3.95 -6.04
CA ILE D 11 -7.48 -3.54 -5.20
C ILE D 11 -7.51 -4.45 -3.97
N VAL D 12 -6.43 -5.18 -3.76
CA VAL D 12 -6.35 -6.10 -2.64
C VAL D 12 -5.53 -5.56 -1.49
N LEU D 13 -6.20 -5.41 -0.37
CA LEU D 13 -5.63 -4.91 0.88
C LEU D 13 -5.12 -6.04 1.78
N SER D 14 -5.74 -7.20 1.66
CA SER D 14 -5.40 -8.38 2.49
C SER D 14 -4.05 -9.06 2.25
N GLY D 15 -3.40 -8.75 1.13
CA GLY D 15 -2.11 -9.36 0.84
C GLY D 15 -1.06 -8.97 1.86
N LYS D 16 -0.06 -9.82 2.03
CA LYS D 16 1.03 -9.60 2.98
C LYS D 16 2.35 -9.85 2.26
N PRO D 17 3.45 -9.24 2.73
CA PRO D 17 4.77 -9.43 2.11
C PRO D 17 5.01 -10.88 1.74
N ALA D 18 5.42 -11.13 0.51
CA ALA D 18 5.67 -12.49 0.09
C ALA D 18 6.88 -12.48 -0.79
N ILE D 19 7.65 -13.57 -0.75
CA ILE D 19 8.84 -13.69 -1.57
C ILE D 19 8.32 -14.10 -2.94
N ILE D 20 8.62 -13.30 -3.96
CA ILE D 20 8.13 -13.59 -5.31
C ILE D 20 8.64 -14.96 -5.75
N PRO D 21 7.73 -15.89 -6.03
CA PRO D 21 8.09 -17.24 -6.46
C PRO D 21 8.93 -17.20 -7.73
N LYS D 22 9.90 -18.11 -7.80
CA LYS D 22 10.77 -18.22 -8.98
C LYS D 22 10.12 -19.16 -10.00
ZN ZN E . 3.97 6.98 7.13
ZN ZN F . -10.05 1.63 13.98
#